data_9FVV
#
_entry.id   9FVV
#
_cell.length_a   49.920
_cell.length_b   86.080
_cell.length_c   123.530
_cell.angle_alpha   90.000
_cell.angle_beta   90.000
_cell.angle_gamma   90.000
#
_symmetry.space_group_name_H-M   'P 21 21 21'
#
loop_
_entity.id
_entity.type
_entity.pdbx_description
1 polymer 'Aspartyl/asparaginyl beta-hydroxylase'
2 polymer 'Factor X light chain'
3 non-polymer '2-OXOGLUTARIC ACID'
4 non-polymer 'ACETATE ION'
5 non-polymer DI(HYDROXYETHYL)ETHER
6 non-polymer 'MANGANESE (II) ION'
7 non-polymer 'THIOCYANATE ION'
8 water water
#
loop_
_entity_poly.entity_id
_entity_poly.type
_entity_poly.pdbx_seq_one_letter_code
_entity_poly.pdbx_strand_id
1 'polypeptide(L)'
;KPKLLNKFDKTIKAELDAAEKLRKRGKIEEAVNAFKELVRKYPQSPRARYGKAQCEDDLAEKRRSNEVLRGAIETYQEVA
SLPDVPADLLKLSLKRRSDRQQFLGHMRGSLLTLQRLVQLFPNDTSLKNDLGVGYLLIGDNDNAKKVYEEVLSVTPNDGF
AKVHYGFILKAQNKIAESIPYLKEGIESGDPGTDDGRFYFHLGDAMQRVGNKEAYKWYELGHKRGHFASVWQRSLYNVNG
LKAQPWWTPKETGYTELVKSLERNWKLIRDEGLAVMDKAKGLFLPEDENLREKGDWSQFTLWQQGRRNENACKGAPKTCT
LLEKFPETTGCRRGQIKYSIMHPGTHVWPHTGPTNCRLRMHLGLVIPKEGCKIRCANETKTWEEGKVLIFDDSFEHEVWQ
DASSFRLIFIVDVWHPELTPQQRRSLPAI
;
A
2 'polypeptide(L)' DGDQSETSPSQNQGKCKNGLGEYTCTSLEGFEGKNSELF B
#
loop_
_chem_comp.id
_chem_comp.type
_chem_comp.name
_chem_comp.formula
ACT non-polymer 'ACETATE ION' 'C2 H3 O2 -1'
AKG non-polymer '2-OXOGLUTARIC ACID' 'C5 H6 O5'
MN non-polymer 'MANGANESE (II) ION' 'Mn 2'
PEG non-polymer DI(HYDROXYETHYL)ETHER 'C4 H10 O3'
SCN non-polymer 'THIOCYANATE ION' 'C N S -1'
#
# COMPACT_ATOMS: atom_id res chain seq x y z
CA LYS A 1 9.76 -5.47 33.48
C LYS A 1 9.80 -6.94 33.08
N PRO A 2 10.21 -7.20 31.83
CA PRO A 2 10.23 -8.60 31.36
C PRO A 2 11.23 -9.45 32.15
N LYS A 3 10.93 -10.73 32.24
CA LYS A 3 11.79 -11.71 32.90
C LYS A 3 12.60 -12.41 31.81
N LEU A 4 13.86 -12.01 31.65
CA LEU A 4 14.64 -12.47 30.52
C LEU A 4 15.73 -13.47 30.89
N LEU A 5 15.99 -13.71 32.18
CA LEU A 5 17.14 -14.52 32.60
C LEU A 5 16.69 -15.86 33.15
N ASN A 6 17.19 -16.94 32.57
CA ASN A 6 16.96 -18.26 33.12
C ASN A 6 17.94 -18.51 34.27
N LYS A 7 17.89 -19.71 34.84
CA LYS A 7 18.68 -20.00 36.04
C LYS A 7 20.16 -19.75 35.80
N PHE A 8 20.73 -20.31 34.73
CA PHE A 8 22.16 -20.12 34.52
C PHE A 8 22.47 -18.65 34.20
N ASP A 9 21.59 -17.98 33.44
CA ASP A 9 21.87 -16.59 33.06
C ASP A 9 21.90 -15.66 34.26
N LYS A 10 21.08 -15.93 35.27
CA LYS A 10 21.21 -15.17 36.52
C LYS A 10 22.61 -15.27 37.10
N THR A 11 23.30 -16.41 36.93
CA THR A 11 24.63 -16.56 37.52
C THR A 11 25.68 -15.72 36.79
N ILE A 12 25.40 -15.31 35.55
CA ILE A 12 26.34 -14.50 34.77
C ILE A 12 25.75 -13.12 34.49
N LYS A 13 24.85 -12.66 35.35
CA LYS A 13 24.15 -11.42 35.07
C LYS A 13 25.10 -10.23 34.95
N ALA A 14 26.16 -10.22 35.76
CA ALA A 14 27.09 -9.08 35.69
C ALA A 14 27.74 -8.99 34.31
N GLU A 15 28.17 -10.14 33.76
N GLU A 15 28.15 -10.14 33.76
CA GLU A 15 28.73 -10.14 32.41
CA GLU A 15 28.72 -10.15 32.42
C GLU A 15 27.69 -9.75 31.37
C GLU A 15 27.70 -9.79 31.35
N LEU A 16 26.47 -10.30 31.48
CA LEU A 16 25.42 -9.96 30.53
C LEU A 16 25.10 -8.48 30.57
N ASP A 17 24.99 -7.92 31.79
CA ASP A 17 24.68 -6.49 31.92
C ASP A 17 25.78 -5.61 31.34
N ALA A 18 27.04 -6.03 31.50
CA ALA A 18 28.15 -5.22 30.97
C ALA A 18 28.09 -5.18 29.46
N ALA A 19 27.79 -6.30 28.81
CA ALA A 19 27.70 -6.31 27.37
C ALA A 19 26.53 -5.45 26.89
N GLU A 20 25.37 -5.56 27.56
CA GLU A 20 24.23 -4.75 27.16
C GLU A 20 24.49 -3.27 27.37
N LYS A 21 25.25 -2.90 28.40
CA LYS A 21 25.53 -1.49 28.64
C LYS A 21 26.33 -0.91 27.47
N LEU A 22 27.30 -1.66 26.95
CA LEU A 22 28.02 -1.19 25.75
C LEU A 22 27.04 -0.96 24.60
N ARG A 23 26.08 -1.87 24.42
CA ARG A 23 25.12 -1.70 23.33
C ARG A 23 24.26 -0.46 23.55
N LYS A 24 23.78 -0.24 24.78
CA LYS A 24 22.92 0.91 25.05
C LYS A 24 23.68 2.22 24.90
N ARG A 25 24.97 2.22 25.17
CA ARG A 25 25.80 3.40 24.96
C ARG A 25 26.11 3.65 23.49
N GLY A 26 25.67 2.78 22.58
CA GLY A 26 25.99 2.95 21.17
C GLY A 26 27.38 2.49 20.77
N LYS A 27 28.12 1.83 21.66
CA LYS A 27 29.40 1.25 21.32
C LYS A 27 29.15 -0.12 20.68
N ILE A 28 28.62 -0.09 19.46
CA ILE A 28 28.05 -1.29 18.84
C ILE A 28 29.13 -2.31 18.56
N GLU A 29 30.28 -1.87 18.02
CA GLU A 29 31.35 -2.82 17.72
C GLU A 29 31.85 -3.51 18.98
N GLU A 30 32.02 -2.74 20.06
CA GLU A 30 32.49 -3.34 21.31
C GLU A 30 31.43 -4.27 21.90
N ALA A 31 30.16 -3.91 21.75
CA ALA A 31 29.08 -4.75 22.27
C ALA A 31 28.98 -6.06 21.49
N VAL A 32 29.12 -5.99 20.15
CA VAL A 32 29.20 -7.20 19.33
C VAL A 32 30.25 -8.15 19.90
N ASN A 33 31.46 -7.64 20.12
CA ASN A 33 32.52 -8.51 20.61
C ASN A 33 32.23 -8.99 22.01
N ALA A 34 31.59 -8.14 22.84
CA ALA A 34 31.29 -8.56 24.19
C ALA A 34 30.30 -9.73 24.18
N PHE A 35 29.25 -9.64 23.35
CA PHE A 35 28.27 -10.71 23.29
C PHE A 35 28.82 -11.92 22.55
N LYS A 36 29.73 -11.72 21.59
CA LYS A 36 30.38 -12.86 20.93
C LYS A 36 31.20 -13.67 21.93
N GLU A 37 31.92 -13.00 22.82
CA GLU A 37 32.66 -13.72 23.85
C GLU A 37 31.72 -14.45 24.78
N LEU A 38 30.56 -13.87 25.09
CA LEU A 38 29.61 -14.56 25.96
C LEU A 38 28.97 -15.73 25.24
N VAL A 39 28.69 -15.60 23.94
CA VAL A 39 28.15 -16.74 23.19
C VAL A 39 29.22 -17.81 23.06
N ARG A 40 30.48 -17.40 22.82
CA ARG A 40 31.58 -18.37 22.80
C ARG A 40 31.68 -19.14 24.11
N LYS A 41 31.74 -18.42 25.23
CA LYS A 41 31.95 -19.04 26.53
C LYS A 41 30.69 -19.73 27.04
N TYR A 42 29.52 -19.16 26.74
CA TYR A 42 28.23 -19.67 27.23
C TYR A 42 27.31 -19.92 26.03
N PRO A 43 27.60 -20.95 25.21
CA PRO A 43 26.85 -21.10 23.96
C PRO A 43 25.38 -21.39 24.15
N GLN A 44 24.96 -21.83 25.33
CA GLN A 44 23.53 -22.10 25.52
C GLN A 44 22.79 -20.94 26.15
N SER A 45 23.47 -19.83 26.44
CA SER A 45 22.80 -18.71 27.13
C SER A 45 21.79 -18.02 26.23
N PRO A 46 20.50 -18.03 26.59
CA PRO A 46 19.53 -17.30 25.76
C PRO A 46 19.71 -15.79 25.80
N ARG A 47 20.10 -15.23 26.96
CA ARG A 47 20.27 -13.78 27.03
C ARG A 47 21.49 -13.33 26.24
N ALA A 48 22.59 -14.10 26.28
CA ALA A 48 23.75 -13.77 25.46
C ALA A 48 23.41 -13.83 23.97
N ARG A 49 22.66 -14.86 23.55
CA ARG A 49 22.30 -14.98 22.13
C ARG A 49 21.39 -13.84 21.69
N TYR A 50 20.45 -13.42 22.54
CA TYR A 50 19.58 -12.30 22.22
C TYR A 50 20.37 -11.00 22.15
N GLY A 51 21.37 -10.86 23.03
CA GLY A 51 22.27 -9.72 22.95
C GLY A 51 23.00 -9.69 21.62
N LYS A 52 23.50 -10.85 21.18
CA LYS A 52 24.15 -10.93 19.88
C LYS A 52 23.20 -10.47 18.78
N ALA A 53 21.94 -10.95 18.84
CA ALA A 53 20.96 -10.60 17.81
C ALA A 53 20.65 -9.11 17.84
N GLN A 54 20.48 -8.54 19.05
CA GLN A 54 20.16 -7.11 19.14
C GLN A 54 21.32 -6.25 18.64
N CYS A 55 22.57 -6.65 18.91
CA CYS A 55 23.71 -5.91 18.38
C CYS A 55 23.76 -6.00 16.86
N GLU A 56 23.49 -7.19 16.30
CA GLU A 56 23.46 -7.33 14.85
C GLU A 56 22.38 -6.45 14.25
N ASP A 57 21.22 -6.38 14.92
CA ASP A 57 20.12 -5.52 14.52
C ASP A 57 20.55 -4.04 14.53
N ASP A 58 21.16 -3.59 15.63
CA ASP A 58 21.70 -2.23 15.70
C ASP A 58 22.76 -1.99 14.63
N LEU A 59 23.66 -2.96 14.42
CA LEU A 59 24.71 -2.81 13.41
C LEU A 59 24.12 -2.68 12.01
N ALA A 60 23.05 -3.44 11.73
CA ALA A 60 22.35 -3.35 10.44
C ALA A 60 21.80 -1.95 10.23
N GLU A 61 21.23 -1.34 11.29
CA GLU A 61 20.75 0.04 11.19
C GLU A 61 21.89 1.01 10.91
N LYS A 62 23.03 0.83 11.60
CA LYS A 62 24.15 1.75 11.40
C LYS A 62 24.70 1.66 9.98
N ARG A 63 24.84 0.44 9.46
CA ARG A 63 25.42 0.22 8.15
C ARG A 63 24.38 0.26 7.03
N ARG A 64 23.09 0.36 7.37
CA ARG A 64 21.97 0.17 6.44
C ARG A 64 22.20 -1.03 5.54
N SER A 65 22.47 -2.18 6.18
CA SER A 65 22.82 -3.41 5.48
C SER A 65 21.71 -4.44 5.64
N ASN A 66 21.07 -4.79 4.53
CA ASN A 66 20.10 -5.88 4.54
C ASN A 66 20.74 -7.19 4.97
N GLU A 67 21.98 -7.44 4.53
CA GLU A 67 22.63 -8.72 4.83
C GLU A 67 22.98 -8.82 6.31
N VAL A 68 23.48 -7.73 6.92
CA VAL A 68 23.70 -7.77 8.36
C VAL A 68 22.38 -8.07 9.08
N LEU A 69 21.28 -7.49 8.59
CA LEU A 69 20.00 -7.73 9.24
C LEU A 69 19.57 -9.20 9.06
N ARG A 70 19.87 -9.78 7.91
CA ARG A 70 19.57 -11.21 7.75
C ARG A 70 20.28 -12.03 8.82
N GLY A 71 21.52 -11.66 9.16
CA GLY A 71 22.20 -12.34 10.25
C GLY A 71 21.45 -12.22 11.56
N ALA A 72 20.99 -11.00 11.89
CA ALA A 72 20.21 -10.80 13.10
C ALA A 72 18.96 -11.68 13.12
N ILE A 73 18.29 -11.77 11.98
CA ILE A 73 17.06 -12.55 11.86
C ILE A 73 17.32 -14.03 12.17
N GLU A 74 18.46 -14.54 11.71
CA GLU A 74 18.83 -15.91 12.06
C GLU A 74 19.15 -16.03 13.55
N THR A 75 19.87 -15.07 14.12
CA THR A 75 20.22 -15.20 15.53
C THR A 75 18.98 -15.09 16.41
N TYR A 76 18.02 -14.24 16.04
CA TYR A 76 16.75 -14.22 16.78
C TYR A 76 16.10 -15.58 16.80
N GLN A 77 16.24 -16.35 15.72
CA GLN A 77 15.67 -17.70 15.71
C GLN A 77 16.50 -18.65 16.57
N GLU A 78 17.83 -18.47 16.57
CA GLU A 78 18.69 -19.29 17.42
C GLU A 78 18.32 -19.16 18.88
N VAL A 79 17.91 -17.96 19.32
CA VAL A 79 17.48 -17.79 20.71
C VAL A 79 16.40 -18.82 21.05
N ALA A 80 15.44 -19.00 20.14
CA ALA A 80 14.28 -19.86 20.37
C ALA A 80 14.64 -21.34 20.37
N SER A 81 15.76 -21.71 19.76
CA SER A 81 16.24 -23.09 19.72
C SER A 81 16.96 -23.51 21.00
N LEU A 82 17.30 -22.58 21.87
CA LEU A 82 18.17 -22.90 22.99
C LEU A 82 17.36 -23.52 24.11
N PRO A 83 18.01 -24.28 25.00
CA PRO A 83 17.28 -24.86 26.13
C PRO A 83 16.87 -23.80 27.15
N ASP A 84 15.69 -24.00 27.74
CA ASP A 84 15.26 -23.27 28.94
C ASP A 84 15.19 -21.75 28.69
N VAL A 85 14.57 -21.35 27.58
CA VAL A 85 14.42 -19.93 27.26
C VAL A 85 13.22 -19.37 28.02
N PRO A 86 13.37 -18.28 28.76
CA PRO A 86 12.22 -17.69 29.45
C PRO A 86 11.17 -17.22 28.47
N ALA A 87 9.90 -17.39 28.86
CA ALA A 87 8.80 -17.12 27.93
C ALA A 87 8.85 -15.70 27.40
N ASP A 88 9.15 -14.71 28.26
CA ASP A 88 9.19 -13.31 27.82
C ASP A 88 10.24 -13.11 26.74
N LEU A 89 11.40 -13.76 26.89
CA LEU A 89 12.49 -13.60 25.94
C LEU A 89 12.16 -14.29 24.62
N LEU A 90 11.58 -15.49 24.70
CA LEU A 90 11.19 -16.23 23.51
C LEU A 90 10.23 -15.41 22.65
N LYS A 91 9.25 -14.78 23.30
CA LYS A 91 8.29 -13.96 22.58
C LYS A 91 8.94 -12.72 21.99
N LEU A 92 9.77 -12.02 22.78
CA LEU A 92 10.45 -10.84 22.25
C LEU A 92 11.29 -11.18 21.03
N SER A 93 12.03 -12.29 21.12
CA SER A 93 12.97 -12.62 20.05
C SER A 93 12.25 -12.98 18.77
N LEU A 94 11.19 -13.80 18.85
CA LEU A 94 10.53 -14.18 17.62
C LEU A 94 9.67 -13.04 17.08
N LYS A 95 9.11 -12.19 17.94
CA LYS A 95 8.38 -11.03 17.42
C LYS A 95 9.31 -10.11 16.62
N ARG A 96 10.52 -9.84 17.13
CA ARG A 96 11.43 -8.98 16.38
C ARG A 96 11.88 -9.68 15.09
N ARG A 97 12.07 -11.00 15.13
CA ARG A 97 12.43 -11.71 13.91
C ARG A 97 11.38 -11.49 12.83
N SER A 98 10.10 -11.66 13.16
CA SER A 98 9.05 -11.47 12.17
C SER A 98 8.99 -10.03 11.68
N ASP A 99 9.10 -9.07 12.61
CA ASP A 99 9.09 -7.66 12.26
C ASP A 99 10.22 -7.33 11.27
N ARG A 100 11.43 -7.83 11.54
CA ARG A 100 12.55 -7.54 10.65
C ARG A 100 12.42 -8.28 9.31
N GLN A 101 11.86 -9.49 9.31
CA GLN A 101 11.58 -10.17 8.05
C GLN A 101 10.62 -9.35 7.19
N GLN A 102 9.60 -8.75 7.81
CA GLN A 102 8.68 -7.90 7.04
C GLN A 102 9.39 -6.66 6.51
N PHE A 103 10.24 -6.03 7.32
CA PHE A 103 11.02 -4.89 6.84
C PHE A 103 11.79 -5.25 5.58
N LEU A 104 12.35 -6.46 5.51
CA LEU A 104 13.10 -6.88 4.33
C LEU A 104 12.22 -7.29 3.17
N GLY A 105 10.89 -7.38 3.36
CA GLY A 105 10.02 -7.93 2.37
C GLY A 105 9.97 -9.44 2.33
N HIS A 106 10.52 -10.12 3.33
CA HIS A 106 10.43 -11.58 3.41
C HIS A 106 9.10 -11.95 4.05
N MET A 107 8.03 -11.81 3.26
CA MET A 107 6.71 -11.94 3.85
C MET A 107 6.36 -13.39 4.13
N ARG A 108 6.77 -14.33 3.27
CA ARG A 108 6.53 -15.74 3.55
C ARG A 108 7.32 -16.19 4.79
N GLY A 109 8.53 -15.69 4.96
CA GLY A 109 9.30 -16.04 6.14
C GLY A 109 8.66 -15.50 7.41
N SER A 110 8.19 -14.25 7.37
CA SER A 110 7.49 -13.68 8.53
C SER A 110 6.27 -14.50 8.89
N LEU A 111 5.52 -14.93 7.88
CA LEU A 111 4.35 -15.75 8.11
C LEU A 111 4.71 -17.02 8.89
N LEU A 112 5.80 -17.69 8.52
CA LEU A 112 6.22 -18.88 9.26
C LEU A 112 6.54 -18.55 10.71
N THR A 113 7.25 -17.45 10.94
CA THR A 113 7.58 -17.05 12.30
C THR A 113 6.31 -16.76 13.11
N LEU A 114 5.35 -16.07 12.48
CA LEU A 114 4.10 -15.73 13.16
C LEU A 114 3.28 -16.97 13.49
N GLN A 115 3.25 -17.95 12.56
CA GLN A 115 2.57 -19.21 12.85
C GLN A 115 3.21 -19.91 14.05
N ARG A 116 4.54 -19.84 14.14
CA ARG A 116 5.22 -20.48 15.26
C ARG A 116 4.89 -19.77 16.57
N LEU A 117 4.82 -18.43 16.54
CA LEU A 117 4.47 -17.68 17.73
C LEU A 117 3.09 -18.06 18.25
N VAL A 118 2.12 -18.21 17.34
CA VAL A 118 0.76 -18.56 17.78
C VAL A 118 0.72 -19.97 18.36
N GLN A 119 1.52 -20.89 17.81
CA GLN A 119 1.57 -22.24 18.36
C GLN A 119 2.22 -22.25 19.74
N LEU A 120 3.25 -21.43 19.92
CA LEU A 120 3.95 -21.36 21.21
C LEU A 120 3.13 -20.65 22.28
N PHE A 121 2.30 -19.69 21.89
CA PHE A 121 1.56 -18.83 22.82
C PHE A 121 0.08 -18.83 22.42
N PRO A 122 -0.60 -19.97 22.60
CA PRO A 122 -1.97 -20.11 22.05
C PRO A 122 -2.99 -19.15 22.66
N ASN A 123 -2.70 -18.51 23.79
CA ASN A 123 -3.65 -17.61 24.45
C ASN A 123 -3.34 -16.14 24.23
N ASP A 124 -2.33 -15.80 23.44
CA ASP A 124 -1.99 -14.41 23.19
C ASP A 124 -2.76 -13.95 21.96
N THR A 125 -3.82 -13.16 22.18
CA THR A 125 -4.69 -12.72 21.09
C THR A 125 -3.94 -11.82 20.12
N SER A 126 -3.05 -10.98 20.63
CA SER A 126 -2.34 -10.03 19.77
C SER A 126 -1.44 -10.77 18.78
N LEU A 127 -0.92 -11.93 19.14
CA LEU A 127 -0.11 -12.70 18.18
C LEU A 127 -0.94 -13.24 17.04
N LYS A 128 -2.18 -13.67 17.31
CA LYS A 128 -3.09 -14.05 16.24
C LYS A 128 -3.40 -12.84 15.35
N ASN A 129 -3.67 -11.69 15.96
CA ASN A 129 -3.89 -10.49 15.16
C ASN A 129 -2.69 -10.21 14.26
N ASP A 130 -1.47 -10.40 14.79
CA ASP A 130 -0.27 -10.17 13.98
C ASP A 130 -0.17 -11.18 12.86
N LEU A 131 -0.56 -12.43 13.11
CA LEU A 131 -0.59 -13.44 12.06
C LEU A 131 -1.54 -13.05 10.95
N GLY A 132 -2.71 -12.51 11.30
CA GLY A 132 -3.61 -12.02 10.28
C GLY A 132 -2.99 -10.95 9.39
N VAL A 133 -2.21 -10.06 9.99
CA VAL A 133 -1.52 -9.03 9.21
C VAL A 133 -0.51 -9.67 8.29
N GLY A 134 0.21 -10.69 8.78
CA GLY A 134 1.10 -11.46 7.92
C GLY A 134 0.40 -11.97 6.68
N TYR A 135 -0.81 -12.51 6.84
CA TYR A 135 -1.56 -12.99 5.67
C TYR A 135 -1.98 -11.86 4.77
N LEU A 136 -2.42 -10.73 5.34
CA LEU A 136 -2.81 -9.58 4.54
C LEU A 136 -1.64 -9.07 3.70
N LEU A 137 -0.44 -9.12 4.26
CA LEU A 137 0.72 -8.60 3.54
C LEU A 137 1.12 -9.48 2.36
N ILE A 138 0.82 -10.78 2.39
CA ILE A 138 1.17 -11.64 1.25
C ILE A 138 -0.01 -11.78 0.29
N GLY A 139 -1.08 -11.03 0.54
CA GLY A 139 -2.27 -11.10 -0.30
C GLY A 139 -3.19 -12.28 -0.09
N ASP A 140 -3.14 -12.93 1.08
CA ASP A 140 -3.99 -14.10 1.34
C ASP A 140 -5.14 -13.63 2.25
N ASN A 141 -6.10 -12.93 1.63
CA ASN A 141 -7.25 -12.43 2.39
C ASN A 141 -8.11 -13.56 2.93
N ASP A 142 -8.13 -14.71 2.25
CA ASP A 142 -8.93 -15.84 2.74
C ASP A 142 -8.37 -16.39 4.04
N ASN A 143 -7.05 -16.56 4.15
CA ASN A 143 -6.53 -17.03 5.42
C ASN A 143 -6.52 -15.93 6.47
N ALA A 144 -6.33 -14.68 6.06
CA ALA A 144 -6.44 -13.58 7.02
C ALA A 144 -7.84 -13.57 7.64
N LYS A 145 -8.87 -13.77 6.81
CA LYS A 145 -10.24 -13.73 7.30
C LYS A 145 -10.49 -14.83 8.33
N LYS A 146 -9.96 -16.03 8.08
CA LYS A 146 -10.14 -17.13 9.03
C LYS A 146 -9.44 -16.83 10.36
N VAL A 147 -8.31 -16.14 10.31
CA VAL A 147 -7.60 -15.78 11.55
C VAL A 147 -8.44 -14.83 12.37
N TYR A 148 -8.99 -13.79 11.72
CA TYR A 148 -9.75 -12.83 12.52
C TYR A 148 -11.07 -13.42 12.98
N GLU A 149 -11.63 -14.39 12.24
CA GLU A 149 -12.79 -15.11 12.77
C GLU A 149 -12.44 -15.93 14.00
N GLU A 150 -11.27 -16.57 14.01
CA GLU A 150 -10.82 -17.27 15.21
C GLU A 150 -10.65 -16.29 16.38
N VAL A 151 -10.04 -15.13 16.14
CA VAL A 151 -9.89 -14.15 17.22
C VAL A 151 -11.26 -13.73 17.75
N LEU A 152 -12.17 -13.37 16.85
CA LEU A 152 -13.47 -12.84 17.28
C LEU A 152 -14.37 -13.90 17.92
N SER A 153 -14.11 -15.18 17.66
CA SER A 153 -14.89 -16.24 18.30
C SER A 153 -14.57 -16.37 19.78
N VAL A 154 -13.43 -15.85 20.23
CA VAL A 154 -13.02 -15.90 21.62
C VAL A 154 -13.10 -14.52 22.27
N THR A 155 -12.66 -13.48 21.56
CA THR A 155 -12.70 -12.10 22.03
C THR A 155 -13.51 -11.28 21.01
N PRO A 156 -14.84 -11.33 21.09
CA PRO A 156 -15.66 -10.68 20.05
C PRO A 156 -15.50 -9.19 19.99
N ASN A 157 -15.02 -8.55 21.05
CA ASN A 157 -14.93 -7.10 21.04
C ASN A 157 -13.49 -6.60 20.91
N ASP A 158 -12.59 -7.46 20.44
CA ASP A 158 -11.25 -6.99 20.09
C ASP A 158 -11.32 -6.01 18.92
N GLY A 159 -10.89 -4.76 19.16
CA GLY A 159 -11.06 -3.72 18.16
C GLY A 159 -10.12 -3.88 16.97
N PHE A 160 -8.89 -4.33 17.22
CA PHE A 160 -7.97 -4.62 16.12
C PHE A 160 -8.58 -5.64 15.18
N ALA A 161 -9.09 -6.74 15.73
CA ALA A 161 -9.67 -7.77 14.88
C ALA A 161 -10.90 -7.25 14.16
N LYS A 162 -11.73 -6.43 14.81
CA LYS A 162 -12.91 -5.91 14.12
C LYS A 162 -12.53 -5.06 12.90
N VAL A 163 -11.59 -4.10 13.07
CA VAL A 163 -11.28 -3.24 11.91
C VAL A 163 -10.67 -4.06 10.78
N HIS A 164 -9.85 -5.07 11.10
CA HIS A 164 -9.24 -5.83 10.03
C HIS A 164 -10.23 -6.75 9.37
N TYR A 165 -11.12 -7.35 10.16
CA TYR A 165 -12.22 -8.14 9.58
C TYR A 165 -13.08 -7.26 8.70
N GLY A 166 -13.43 -6.06 9.18
CA GLY A 166 -14.18 -5.10 8.36
C GLY A 166 -13.46 -4.75 7.07
N PHE A 167 -12.13 -4.56 7.14
CA PHE A 167 -11.35 -4.25 5.93
C PHE A 167 -11.46 -5.38 4.92
N ILE A 168 -11.36 -6.62 5.39
CA ILE A 168 -11.46 -7.77 4.51
C ILE A 168 -12.85 -7.86 3.89
N LEU A 169 -13.91 -7.71 4.71
CA LEU A 169 -15.27 -7.74 4.17
C LEU A 169 -15.46 -6.69 3.10
N LYS A 170 -14.96 -5.47 3.35
CA LYS A 170 -15.09 -4.38 2.39
C LYS A 170 -14.38 -4.72 1.08
N ALA A 171 -13.18 -5.29 1.17
CA ALA A 171 -12.44 -5.68 -0.03
C ALA A 171 -13.20 -6.74 -0.83
N GLN A 172 -13.99 -7.58 -0.15
CA GLN A 172 -14.80 -8.61 -0.79
C GLN A 172 -16.15 -8.09 -1.28
N ASN A 173 -16.37 -6.77 -1.26
CA ASN A 173 -17.63 -6.11 -1.65
C ASN A 173 -18.80 -6.51 -0.75
N LYS A 174 -18.51 -6.94 0.48
CA LYS A 174 -19.54 -7.13 1.49
C LYS A 174 -19.71 -5.81 2.26
N ILE A 175 -20.32 -4.85 1.56
CA ILE A 175 -20.25 -3.45 1.97
C ILE A 175 -21.02 -3.24 3.26
N ALA A 176 -22.31 -3.60 3.27
CA ALA A 176 -23.11 -3.40 4.48
C ALA A 176 -22.54 -4.18 5.66
N GLU A 177 -22.05 -5.40 5.42
CA GLU A 177 -21.50 -6.21 6.50
C GLU A 177 -20.25 -5.56 7.09
N SER A 178 -19.49 -4.83 6.27
CA SER A 178 -18.21 -4.29 6.73
C SER A 178 -18.40 -3.13 7.69
N ILE A 179 -19.52 -2.42 7.59
CA ILE A 179 -19.65 -1.11 8.24
C ILE A 179 -19.62 -1.23 9.75
N PRO A 180 -20.41 -2.10 10.40
CA PRO A 180 -20.33 -2.17 11.87
C PRO A 180 -18.96 -2.60 12.38
N TYR A 181 -18.25 -3.48 11.66
CA TYR A 181 -16.93 -3.89 12.11
C TYR A 181 -15.92 -2.75 12.01
N LEU A 182 -15.92 -2.04 10.89
CA LEU A 182 -15.02 -0.90 10.75
C LEU A 182 -15.35 0.17 11.76
N LYS A 183 -16.64 0.46 11.96
CA LYS A 183 -17.05 1.53 12.87
C LYS A 183 -16.75 1.19 14.33
N GLU A 184 -17.18 0.02 14.80
CA GLU A 184 -16.90 -0.37 16.18
C GLU A 184 -15.42 -0.52 16.43
N GLY A 185 -14.69 -1.01 15.43
CA GLY A 185 -13.26 -1.17 15.61
C GLY A 185 -12.56 0.17 15.77
N ILE A 186 -12.90 1.14 14.92
CA ILE A 186 -12.31 2.46 15.10
C ILE A 186 -12.73 3.06 16.43
N GLU A 187 -14.00 2.88 16.81
CA GLU A 187 -14.47 3.47 18.05
C GLU A 187 -13.85 2.82 19.29
N SER A 188 -13.33 1.60 19.16
CA SER A 188 -12.67 0.96 20.30
C SER A 188 -11.48 1.77 20.80
N GLY A 189 -10.79 2.47 19.89
CA GLY A 189 -9.53 3.07 20.25
C GLY A 189 -8.42 2.11 20.60
N ASP A 190 -8.58 0.82 20.29
CA ASP A 190 -7.55 -0.15 20.61
C ASP A 190 -6.29 0.15 19.79
N PRO A 191 -5.12 -0.24 20.28
CA PRO A 191 -3.89 -0.04 19.49
C PRO A 191 -4.02 -0.67 18.11
N GLY A 192 -3.62 0.10 17.08
CA GLY A 192 -3.68 -0.38 15.72
C GLY A 192 -4.95 -0.04 14.97
N THR A 193 -5.95 0.55 15.65
CA THR A 193 -7.20 0.90 14.97
C THR A 193 -7.22 2.33 14.43
N ASP A 194 -6.38 3.24 14.93
CA ASP A 194 -6.41 4.64 14.51
C ASP A 194 -5.53 4.78 13.27
N ASP A 195 -6.08 4.35 12.15
CA ASP A 195 -5.31 4.06 10.94
C ASP A 195 -6.11 4.57 9.75
N GLY A 196 -5.45 5.35 8.88
CA GLY A 196 -6.14 5.97 7.75
C GLY A 196 -6.90 5.00 6.86
N ARG A 197 -6.39 3.77 6.71
CA ARG A 197 -7.07 2.78 5.88
C ARG A 197 -8.50 2.51 6.34
N PHE A 198 -8.73 2.52 7.65
CA PHE A 198 -10.05 2.13 8.15
C PHE A 198 -11.05 3.29 8.07
N TYR A 199 -10.61 4.53 8.34
CA TYR A 199 -11.48 5.67 8.07
C TYR A 199 -11.82 5.76 6.60
N PHE A 200 -10.82 5.55 5.74
CA PHE A 200 -11.04 5.63 4.31
C PHE A 200 -12.14 4.68 3.88
N HIS A 201 -12.06 3.44 4.34
CA HIS A 201 -12.99 2.43 3.84
C HIS A 201 -14.31 2.45 4.57
N LEU A 202 -14.35 2.92 5.82
CA LEU A 202 -15.62 3.09 6.50
C LEU A 202 -16.45 4.16 5.80
N GLY A 203 -15.83 5.32 5.55
CA GLY A 203 -16.55 6.36 4.83
C GLY A 203 -16.97 5.93 3.44
N ASP A 204 -16.11 5.19 2.74
CA ASP A 204 -16.45 4.74 1.41
C ASP A 204 -17.61 3.74 1.44
N ALA A 205 -17.58 2.80 2.39
CA ALA A 205 -18.70 1.86 2.49
C ALA A 205 -20.00 2.60 2.75
N MET A 206 -19.96 3.60 3.64
CA MET A 206 -21.16 4.38 3.92
C MET A 206 -21.64 5.12 2.70
N GLN A 207 -20.71 5.70 1.93
CA GLN A 207 -21.13 6.38 0.69
C GLN A 207 -21.87 5.42 -0.22
N ARG A 208 -21.35 4.19 -0.38
CA ARG A 208 -21.96 3.25 -1.31
C ARG A 208 -23.37 2.86 -0.91
N VAL A 209 -23.68 2.84 0.39
CA VAL A 209 -25.03 2.50 0.83
C VAL A 209 -25.89 3.74 1.04
N GLY A 210 -25.38 4.92 0.74
CA GLY A 210 -26.17 6.12 0.89
C GLY A 210 -26.31 6.63 2.30
N ASN A 211 -25.40 6.26 3.20
CA ASN A 211 -25.41 6.74 4.58
C ASN A 211 -24.71 8.10 4.62
N LYS A 212 -25.44 9.14 4.99
CA LYS A 212 -24.92 10.50 4.97
C LYS A 212 -23.92 10.77 6.08
N GLU A 213 -23.67 9.84 7.00
CA GLU A 213 -22.65 10.03 8.01
C GLU A 213 -21.24 9.89 7.45
N ALA A 214 -21.11 9.50 6.18
CA ALA A 214 -19.79 9.18 5.64
C ALA A 214 -18.79 10.30 5.86
N TYR A 215 -19.19 11.55 5.62
CA TYR A 215 -18.20 12.60 5.69
C TYR A 215 -17.86 13.00 7.11
N LYS A 216 -18.65 12.61 8.10
CA LYS A 216 -18.23 12.76 9.49
C LYS A 216 -16.99 11.93 9.76
N TRP A 217 -16.88 10.76 9.14
CA TRP A 217 -15.72 9.92 9.33
C TRP A 217 -14.53 10.44 8.56
N TYR A 218 -14.78 11.08 7.42
CA TYR A 218 -13.69 11.76 6.71
C TYR A 218 -13.18 12.96 7.50
N GLU A 219 -14.09 13.74 8.11
CA GLU A 219 -13.68 14.86 8.96
C GLU A 219 -12.83 14.37 10.12
N LEU A 220 -13.25 13.29 10.77
CA LEU A 220 -12.47 12.77 11.89
C LEU A 220 -11.12 12.25 11.41
N GLY A 221 -11.09 11.56 10.27
CA GLY A 221 -9.82 11.09 9.74
C GLY A 221 -8.87 12.23 9.44
N HIS A 222 -9.41 13.34 8.92
CA HIS A 222 -8.61 14.54 8.71
C HIS A 222 -8.13 15.13 10.03
N LYS A 223 -9.01 15.23 11.02
CA LYS A 223 -8.59 15.77 12.32
C LYS A 223 -7.48 14.94 12.94
N ARG A 224 -7.49 13.62 12.72
CA ARG A 224 -6.51 12.74 13.30
C ARG A 224 -5.27 12.58 12.43
N GLY A 225 -5.13 13.38 11.39
CA GLY A 225 -3.91 13.46 10.62
C GLY A 225 -3.78 12.48 9.48
N HIS A 226 -4.83 11.72 9.16
CA HIS A 226 -4.74 10.69 8.14
C HIS A 226 -4.94 11.21 6.72
N PHE A 227 -5.76 12.25 6.56
CA PHE A 227 -6.07 12.82 5.24
C PHE A 227 -5.65 14.28 5.19
N ALA A 228 -5.14 14.70 4.03
CA ALA A 228 -4.83 16.12 3.83
C ALA A 228 -6.08 16.99 3.97
N SER A 229 -7.23 16.50 3.51
CA SER A 229 -8.50 17.21 3.63
C SER A 229 -9.62 16.18 3.51
N VAL A 230 -10.86 16.63 3.72
CA VAL A 230 -11.95 15.68 3.61
C VAL A 230 -12.13 15.22 2.17
N TRP A 231 -11.70 16.05 1.20
CA TRP A 231 -11.82 15.72 -0.21
C TRP A 231 -10.65 14.92 -0.76
N GLN A 232 -9.46 15.10 -0.20
CA GLN A 232 -8.24 14.50 -0.72
C GLN A 232 -7.74 13.47 0.28
N ARG A 233 -7.98 12.19 -0.01
CA ARG A 233 -7.87 11.14 1.01
C ARG A 233 -6.82 10.10 0.67
N SER A 234 -5.90 10.41 -0.25
CA SER A 234 -4.78 9.52 -0.50
C SER A 234 -3.96 9.30 0.77
N LEU A 235 -3.31 8.15 0.84
CA LEU A 235 -2.59 7.74 2.05
C LEU A 235 -1.08 7.64 1.86
N TYR A 236 -0.58 7.82 0.64
CA TYR A 236 0.85 7.74 0.33
C TYR A 236 1.27 9.09 -0.24
N ASN A 237 1.59 10.03 0.64
CA ASN A 237 1.72 11.44 0.24
C ASN A 237 3.10 11.99 0.53
N VAL A 238 3.45 12.98 -0.28
CA VAL A 238 4.46 13.96 0.07
C VAL A 238 3.72 15.20 0.55
N ASN A 239 3.94 15.59 1.80
CA ASN A 239 3.16 16.69 2.36
C ASN A 239 3.49 18.02 1.69
N GLY A 240 2.47 18.84 1.49
CA GLY A 240 2.65 20.19 1.00
C GLY A 240 2.63 20.38 -0.51
N LEU A 241 2.57 19.31 -1.29
CA LEU A 241 2.39 19.46 -2.73
C LEU A 241 1.09 20.22 -3.03
N LYS A 242 1.15 21.13 -3.99
CA LYS A 242 -0.01 21.95 -4.32
C LYS A 242 -1.23 21.04 -4.55
N ALA A 243 -2.34 21.35 -3.89
CA ALA A 243 -3.51 20.46 -3.84
C ALA A 243 -4.71 21.18 -4.43
N GLN A 244 -5.14 20.75 -5.62
CA GLN A 244 -6.33 21.30 -6.23
C GLN A 244 -6.92 20.25 -7.16
N PRO A 245 -8.25 20.19 -7.27
CA PRO A 245 -8.88 19.10 -8.02
C PRO A 245 -8.57 19.15 -9.51
N TRP A 246 -8.70 20.31 -10.13
CA TRP A 246 -8.53 20.46 -11.58
C TRP A 246 -7.32 21.34 -11.86
N TRP A 247 -6.58 20.99 -12.91
CA TRP A 247 -5.34 21.67 -13.32
C TRP A 247 -5.39 22.04 -14.79
N THR A 248 -4.82 23.24 -15.14
CA THR A 248 -4.61 23.54 -16.55
C THR A 248 -3.26 23.01 -17.00
N PRO A 249 -3.10 22.75 -18.31
CA PRO A 249 -1.76 22.40 -18.81
C PRO A 249 -0.68 23.36 -18.35
N LYS A 250 -0.91 24.68 -18.47
CA LYS A 250 0.10 25.64 -18.05
C LYS A 250 0.44 25.52 -16.57
N GLU A 251 -0.55 25.24 -15.73
CA GLU A 251 -0.26 25.09 -14.30
C GLU A 251 0.64 23.89 -14.04
N THR A 252 0.49 22.80 -14.82
CA THR A 252 1.35 21.63 -14.62
C THR A 252 2.74 21.87 -15.15
N GLY A 253 2.91 22.80 -16.11
CA GLY A 253 4.16 22.99 -16.81
C GLY A 253 4.44 21.96 -17.89
N TYR A 254 3.59 20.93 -18.01
CA TYR A 254 3.82 19.88 -19.00
C TYR A 254 3.17 20.22 -20.34
N THR A 255 3.43 21.45 -20.80
CA THR A 255 2.79 21.93 -22.02
C THR A 255 3.30 21.22 -23.26
N GLU A 256 4.57 20.77 -23.28
CA GLU A 256 5.03 20.06 -24.47
C GLU A 256 4.33 18.71 -24.61
N LEU A 257 4.15 18.01 -23.49
CA LEU A 257 3.41 16.75 -23.52
C LEU A 257 1.97 16.96 -23.97
N VAL A 258 1.31 17.96 -23.40
CA VAL A 258 -0.08 18.21 -23.80
C VAL A 258 -0.17 18.55 -25.28
N LYS A 259 0.74 19.39 -25.78
CA LYS A 259 0.70 19.70 -27.21
C LYS A 259 0.91 18.45 -28.06
N SER A 260 1.82 17.56 -27.66
CA SER A 260 2.01 16.34 -28.44
C SER A 260 0.75 15.48 -28.45
N LEU A 261 0.11 15.33 -27.28
CA LEU A 261 -1.10 14.53 -27.21
C LEU A 261 -2.20 15.12 -28.08
N GLU A 262 -2.37 16.46 -28.05
CA GLU A 262 -3.45 17.09 -28.80
C GLU A 262 -3.15 17.18 -30.30
N ARG A 263 -1.90 17.40 -30.69
CA ARG A 263 -1.59 17.43 -32.12
C ARG A 263 -1.71 16.05 -32.76
N ASN A 264 -1.36 15.01 -32.00
CA ASN A 264 -1.27 13.66 -32.53
C ASN A 264 -2.40 12.77 -32.03
N TRP A 265 -3.52 13.36 -31.59
CA TRP A 265 -4.52 12.53 -30.93
C TRP A 265 -5.07 11.45 -31.85
N LYS A 266 -5.16 11.70 -33.16
CA LYS A 266 -5.82 10.73 -34.01
C LYS A 266 -5.02 9.44 -34.16
N LEU A 267 -3.70 9.50 -34.13
CA LEU A 267 -2.93 8.25 -34.22
C LEU A 267 -3.15 7.42 -32.96
N ILE A 268 -3.27 8.09 -31.81
CA ILE A 268 -3.53 7.40 -30.55
C ILE A 268 -4.91 6.78 -30.59
N ARG A 269 -5.92 7.57 -30.99
CA ARG A 269 -7.26 7.01 -31.21
C ARG A 269 -7.23 5.79 -32.13
N ASP A 270 -6.56 5.92 -33.30
CA ASP A 270 -6.63 4.85 -34.30
C ASP A 270 -6.02 3.55 -33.77
N GLU A 271 -4.91 3.66 -33.03
CA GLU A 271 -4.35 2.43 -32.47
C GLU A 271 -5.27 1.84 -31.42
N GLY A 272 -5.94 2.66 -30.60
CA GLY A 272 -6.91 2.13 -29.65
C GLY A 272 -8.06 1.42 -30.35
N LEU A 273 -8.56 2.02 -31.44
CA LEU A 273 -9.65 1.39 -32.18
C LEU A 273 -9.20 0.08 -32.82
N ALA A 274 -7.98 0.04 -33.35
CA ALA A 274 -7.47 -1.22 -33.91
C ALA A 274 -7.38 -2.32 -32.85
N VAL A 275 -6.99 -1.97 -31.63
CA VAL A 275 -6.99 -2.98 -30.57
C VAL A 275 -8.40 -3.41 -30.23
N MET A 276 -9.34 -2.46 -30.17
CA MET A 276 -10.74 -2.81 -29.93
C MET A 276 -11.25 -3.78 -30.99
N ASP A 277 -10.84 -3.59 -32.25
CA ASP A 277 -11.36 -4.40 -33.36
C ASP A 277 -10.65 -5.75 -33.49
N LYS A 278 -9.35 -5.79 -33.23
CA LYS A 278 -8.52 -6.94 -33.62
C LYS A 278 -7.76 -7.57 -32.47
N ALA A 279 -7.72 -6.95 -31.30
CA ALA A 279 -6.93 -7.48 -30.18
C ALA A 279 -7.62 -7.15 -28.86
N LYS A 280 -8.92 -7.43 -28.74
CA LYS A 280 -9.66 -6.77 -27.67
C LYS A 280 -9.34 -7.33 -26.29
N GLY A 281 -8.74 -8.53 -26.23
CA GLY A 281 -8.25 -9.08 -24.98
C GLY A 281 -7.11 -8.31 -24.34
N LEU A 282 -6.51 -7.34 -25.06
CA LEU A 282 -5.57 -6.44 -24.41
C LEU A 282 -6.27 -5.48 -23.45
N PHE A 283 -7.56 -5.23 -23.63
CA PHE A 283 -8.31 -4.42 -22.66
C PHE A 283 -8.74 -5.32 -21.52
N LEU A 284 -8.29 -4.99 -20.31
CA LEU A 284 -8.61 -5.80 -19.13
C LEU A 284 -9.63 -5.09 -18.27
N PRO A 285 -10.66 -5.77 -17.78
CA PRO A 285 -11.66 -5.08 -16.96
C PRO A 285 -11.07 -4.50 -15.68
N GLU A 286 -11.62 -3.36 -15.28
CA GLU A 286 -11.29 -2.79 -13.98
C GLU A 286 -11.49 -3.83 -12.88
N ASP A 287 -10.51 -3.90 -11.94
CA ASP A 287 -10.52 -5.00 -10.97
C ASP A 287 -10.24 -4.52 -9.55
N GLU A 288 -10.72 -3.32 -9.21
CA GLU A 288 -10.51 -2.76 -7.89
C GLU A 288 -11.82 -2.44 -7.17
N ASN A 289 -12.91 -3.10 -7.58
CA ASN A 289 -14.23 -2.92 -6.99
C ASN A 289 -14.71 -1.48 -7.07
N LEU A 290 -14.38 -0.79 -8.17
CA LEU A 290 -14.74 0.63 -8.27
C LEU A 290 -16.03 0.88 -9.05
N ARG A 291 -16.63 -0.13 -9.67
CA ARG A 291 -17.88 0.08 -10.42
C ARG A 291 -19.12 -0.26 -9.60
N GLU A 292 -20.13 0.61 -9.67
CA GLU A 292 -21.47 0.19 -9.26
C GLU A 292 -22.07 -0.76 -10.29
N LYS A 293 -21.81 -0.51 -11.56
CA LYS A 293 -22.47 -1.23 -12.65
C LYS A 293 -21.76 -0.86 -13.94
N GLY A 294 -21.95 -1.69 -14.97
CA GLY A 294 -21.47 -1.38 -16.32
C GLY A 294 -20.15 -2.05 -16.66
N ASP A 295 -19.56 -1.57 -17.74
CA ASP A 295 -18.38 -2.19 -18.35
C ASP A 295 -17.30 -1.14 -18.58
N TRP A 296 -16.10 -1.41 -18.08
CA TRP A 296 -15.02 -0.43 -18.00
C TRP A 296 -13.71 -1.18 -18.02
N SER A 297 -12.85 -0.94 -19.00
CA SER A 297 -11.63 -1.72 -19.14
C SER A 297 -10.48 -0.83 -19.59
N GLN A 298 -9.28 -1.27 -19.26
CA GLN A 298 -8.07 -0.51 -19.56
C GLN A 298 -7.08 -1.36 -20.32
N PHE A 299 -6.37 -0.72 -21.24
CA PHE A 299 -5.29 -1.35 -22.02
C PHE A 299 -4.03 -0.58 -21.62
N THR A 300 -3.19 -1.20 -20.77
CA THR A 300 -2.11 -0.49 -20.09
C THR A 300 -0.78 -0.63 -20.83
N LEU A 301 -0.18 0.52 -21.17
CA LEU A 301 1.10 0.58 -21.87
C LEU A 301 2.28 0.69 -20.91
N TRP A 302 2.15 1.49 -19.85
CA TRP A 302 3.16 1.66 -18.80
C TRP A 302 2.49 1.53 -17.44
N GLN A 303 3.18 0.90 -16.48
CA GLN A 303 2.75 0.97 -15.11
C GLN A 303 4.00 0.97 -14.24
N GLN A 304 3.92 1.72 -13.13
CA GLN A 304 5.07 1.86 -12.20
C GLN A 304 6.35 2.26 -12.95
N GLY A 305 6.20 3.04 -14.02
CA GLY A 305 7.36 3.52 -14.76
C GLY A 305 8.03 2.47 -15.62
N ARG A 306 7.36 1.35 -15.88
CA ARG A 306 7.92 0.26 -16.69
C ARG A 306 7.06 0.05 -17.93
N ARG A 307 7.70 0.04 -19.09
CA ARG A 307 6.98 -0.21 -20.34
C ARG A 307 6.57 -1.67 -20.43
N ASN A 308 5.32 -1.94 -20.81
N ASN A 308 5.31 -1.92 -20.82
CA ASN A 308 4.88 -3.30 -21.13
CA ASN A 308 4.85 -3.26 -21.15
C ASN A 308 5.20 -3.52 -22.60
C ASN A 308 5.19 -3.52 -22.62
N GLU A 309 6.25 -4.30 -22.88
CA GLU A 309 6.72 -4.45 -24.26
C GLU A 309 5.68 -5.11 -25.16
N ASN A 310 5.00 -6.15 -24.66
CA ASN A 310 3.99 -6.79 -25.50
C ASN A 310 2.79 -5.88 -25.74
N ALA A 311 2.39 -5.11 -24.72
CA ALA A 311 1.30 -4.15 -24.92
C ALA A 311 1.69 -3.11 -25.97
N CYS A 312 2.93 -2.64 -25.91
CA CYS A 312 3.33 -1.63 -26.88
C CYS A 312 3.37 -2.17 -28.30
N LYS A 313 3.41 -3.50 -28.51
CA LYS A 313 3.24 -4.01 -29.87
C LYS A 313 1.84 -3.71 -30.43
N GLY A 314 0.86 -3.53 -29.54
CA GLY A 314 -0.49 -3.17 -29.94
C GLY A 314 -0.69 -1.70 -30.21
N ALA A 315 0.21 -0.84 -29.74
CA ALA A 315 0.12 0.60 -29.97
C ALA A 315 1.54 1.14 -30.20
N PRO A 316 2.22 0.67 -31.25
CA PRO A 316 3.64 0.99 -31.38
C PRO A 316 3.91 2.45 -31.62
N LYS A 317 3.04 3.13 -32.39
CA LYS A 317 3.27 4.54 -32.69
C LYS A 317 3.03 5.39 -31.45
N THR A 318 1.99 5.07 -30.69
CA THR A 318 1.70 5.77 -29.45
C THR A 318 2.83 5.57 -28.45
N CYS A 319 3.35 4.36 -28.37
CA CYS A 319 4.45 4.13 -27.42
C CYS A 319 5.70 4.90 -27.84
N THR A 320 5.99 4.95 -29.16
CA THR A 320 7.11 5.75 -29.67
C THR A 320 6.92 7.23 -29.34
N LEU A 321 5.70 7.74 -29.53
CA LEU A 321 5.41 9.13 -29.19
C LEU A 321 5.68 9.42 -27.72
N LEU A 322 5.19 8.55 -26.83
CA LEU A 322 5.27 8.82 -25.40
C LEU A 322 6.68 8.65 -24.84
N GLU A 323 7.56 7.92 -25.53
CA GLU A 323 8.92 7.71 -25.03
C GLU A 323 9.69 9.01 -24.87
N LYS A 324 9.27 10.06 -25.59
CA LYS A 324 9.90 11.36 -25.50
C LYS A 324 9.61 12.09 -24.20
N PHE A 325 8.72 11.57 -23.35
CA PHE A 325 8.22 12.30 -22.17
C PHE A 325 8.45 11.50 -20.89
N PRO A 326 9.65 11.55 -20.34
CA PRO A 326 9.89 10.82 -19.07
C PRO A 326 9.06 11.31 -17.89
N GLU A 327 8.46 12.52 -17.96
CA GLU A 327 7.58 12.95 -16.88
C GLU A 327 6.38 12.03 -16.72
N THR A 328 6.00 11.32 -17.78
CA THR A 328 4.99 10.26 -17.65
C THR A 328 5.58 8.85 -17.73
N THR A 329 6.48 8.55 -18.67
CA THR A 329 6.96 7.17 -18.74
C THR A 329 7.76 6.78 -17.50
N GLY A 330 8.38 7.75 -16.83
CA GLY A 330 9.08 7.48 -15.59
C GLY A 330 8.28 7.70 -14.34
N CYS A 331 6.97 7.93 -14.45
CA CYS A 331 6.16 8.17 -13.26
C CYS A 331 5.87 6.83 -12.61
N ARG A 332 6.66 6.47 -11.60
CA ARG A 332 6.53 5.17 -10.97
C ARG A 332 5.36 5.10 -10.01
N ARG A 333 4.62 6.20 -9.86
CA ARG A 333 3.36 6.22 -9.15
C ARG A 333 2.19 6.52 -10.09
N GLY A 334 2.26 6.02 -11.32
CA GLY A 334 1.20 6.28 -12.27
C GLY A 334 1.21 5.25 -13.38
N GLN A 335 0.26 5.40 -14.32
CA GLN A 335 0.20 4.52 -15.47
C GLN A 335 0.02 5.34 -16.74
N ILE A 336 0.14 4.67 -17.88
CA ILE A 336 -0.25 5.19 -19.19
C ILE A 336 -1.17 4.11 -19.79
N LYS A 337 -2.42 4.47 -20.13
CA LYS A 337 -3.33 3.41 -20.55
C LYS A 337 -4.50 3.97 -21.34
N TYR A 338 -5.00 3.18 -22.29
CA TYR A 338 -6.32 3.46 -22.83
C TYR A 338 -7.40 3.05 -21.85
N SER A 339 -8.55 3.74 -21.89
CA SER A 339 -9.64 3.41 -20.97
C SER A 339 -10.95 3.52 -21.73
N ILE A 340 -11.67 2.40 -21.82
CA ILE A 340 -12.96 2.39 -22.54
C ILE A 340 -14.07 2.22 -21.52
N MET A 341 -15.16 2.97 -21.71
CA MET A 341 -16.30 2.87 -20.79
C MET A 341 -17.56 2.84 -21.64
N HIS A 342 -18.49 1.93 -21.32
CA HIS A 342 -19.68 1.73 -22.13
C HIS A 342 -20.94 2.26 -21.43
N PRO A 343 -22.04 2.46 -22.15
CA PRO A 343 -23.25 2.98 -21.51
C PRO A 343 -23.77 2.06 -20.42
N GLY A 344 -24.41 2.68 -19.43
CA GLY A 344 -24.84 1.93 -18.26
C GLY A 344 -23.79 1.77 -17.19
N THR A 345 -22.74 2.59 -17.21
CA THR A 345 -21.62 2.48 -16.27
C THR A 345 -21.66 3.63 -15.29
N HIS A 346 -21.56 3.33 -14.01
CA HIS A 346 -21.36 4.34 -12.98
C HIS A 346 -20.17 3.90 -12.17
N VAL A 347 -19.16 4.74 -12.09
CA VAL A 347 -17.98 4.48 -11.26
C VAL A 347 -18.21 5.14 -9.91
N TRP A 348 -18.12 4.35 -8.84
CA TRP A 348 -18.31 4.89 -7.49
C TRP A 348 -17.34 6.05 -7.22
N PRO A 349 -17.73 7.03 -6.41
CA PRO A 349 -16.74 7.97 -5.86
C PRO A 349 -15.57 7.20 -5.28
N HIS A 350 -14.35 7.63 -5.63
CA HIS A 350 -13.17 6.98 -5.09
C HIS A 350 -12.00 7.95 -5.17
N THR A 351 -10.89 7.56 -4.55
N THR A 351 -10.91 7.60 -4.49
CA THR A 351 -9.68 8.35 -4.49
CA THR A 351 -9.68 8.36 -4.58
C THR A 351 -8.50 7.44 -4.77
C THR A 351 -8.53 7.40 -4.87
N GLY A 352 -7.53 7.93 -5.57
CA GLY A 352 -6.31 7.18 -5.79
C GLY A 352 -5.43 7.15 -4.54
N PRO A 353 -4.35 6.37 -4.61
CA PRO A 353 -3.56 6.13 -3.39
C PRO A 353 -2.59 7.23 -3.02
N THR A 354 -2.25 8.16 -3.92
CA THR A 354 -1.08 9.01 -3.71
C THR A 354 -1.30 10.42 -4.26
N ASN A 355 -0.81 11.45 -3.54
CA ASN A 355 -0.84 12.81 -4.08
C ASN A 355 0.35 13.11 -5.00
N CYS A 356 1.15 12.11 -5.35
CA CYS A 356 2.40 12.34 -6.06
C CYS A 356 2.25 12.31 -7.57
N ARG A 357 1.03 12.08 -8.09
CA ARG A 357 0.77 12.12 -9.52
C ARG A 357 -0.41 13.04 -9.81
N LEU A 358 -0.43 13.56 -11.05
CA LEU A 358 -1.62 14.15 -11.65
C LEU A 358 -2.01 13.29 -12.84
N ARG A 359 -3.30 13.30 -13.17
CA ARG A 359 -3.85 12.38 -14.15
C ARG A 359 -4.41 13.16 -15.33
N MET A 360 -3.83 12.97 -16.51
CA MET A 360 -4.33 13.58 -17.73
C MET A 360 -5.25 12.62 -18.46
N HIS A 361 -6.32 13.18 -19.05
CA HIS A 361 -7.23 12.46 -19.94
C HIS A 361 -7.21 13.14 -21.30
N LEU A 362 -6.92 12.37 -22.35
CA LEU A 362 -7.07 12.80 -23.73
C LEU A 362 -8.31 12.15 -24.33
N GLY A 363 -9.26 12.96 -24.78
CA GLY A 363 -10.46 12.42 -25.40
C GLY A 363 -10.16 11.80 -26.76
N LEU A 364 -10.66 10.58 -26.98
CA LEU A 364 -10.44 9.90 -28.26
C LEU A 364 -11.73 9.65 -29.02
N VAL A 365 -12.75 9.05 -28.40
CA VAL A 365 -14.08 8.89 -28.98
C VAL A 365 -15.04 9.27 -27.88
N ILE A 366 -15.67 10.45 -28.00
CA ILE A 366 -16.51 10.99 -26.94
C ILE A 366 -17.92 11.21 -27.49
N PRO A 367 -18.89 10.42 -27.08
CA PRO A 367 -20.28 10.70 -27.48
C PRO A 367 -20.70 12.11 -27.09
N LYS A 368 -21.54 12.72 -27.93
CA LYS A 368 -21.87 14.13 -27.67
C LYS A 368 -22.64 14.32 -26.37
N GLU A 369 -23.35 13.30 -25.90
CA GLU A 369 -24.10 13.40 -24.66
C GLU A 369 -23.89 12.17 -23.77
N GLY A 370 -24.03 12.37 -22.45
CA GLY A 370 -24.12 11.26 -21.52
C GLY A 370 -22.88 10.94 -20.70
N CYS A 371 -21.71 11.50 -21.03
CA CYS A 371 -20.49 11.13 -20.34
C CYS A 371 -19.96 12.34 -19.56
N LYS A 372 -19.63 12.14 -18.28
CA LYS A 372 -19.07 13.24 -17.50
C LYS A 372 -18.25 12.68 -16.34
N ILE A 373 -17.38 13.52 -15.79
CA ILE A 373 -16.52 13.16 -14.67
C ILE A 373 -16.55 14.28 -13.64
N ARG A 374 -16.77 13.91 -12.38
CA ARG A 374 -16.69 14.84 -11.26
C ARG A 374 -15.38 14.66 -10.53
N CYS A 375 -14.70 15.77 -10.20
CA CYS A 375 -13.60 15.72 -9.24
C CYS A 375 -13.89 16.76 -8.15
N ALA A 376 -13.91 16.31 -6.89
CA ALA A 376 -14.33 17.17 -5.75
C ALA A 376 -15.71 17.74 -6.09
N ASN A 377 -15.92 19.06 -6.06
CA ASN A 377 -17.24 19.62 -6.29
C ASN A 377 -17.48 20.09 -7.72
N GLU A 378 -16.63 19.69 -8.67
CA GLU A 378 -16.72 20.24 -10.01
C GLU A 378 -16.78 19.14 -11.05
N THR A 379 -17.75 19.22 -11.93
CA THR A 379 -17.95 18.22 -12.97
C THR A 379 -17.65 18.81 -14.34
N LYS A 380 -17.04 18.00 -15.20
CA LYS A 380 -16.62 18.39 -16.55
C LYS A 380 -16.95 17.27 -17.54
N THR A 381 -16.88 17.62 -18.82
CA THR A 381 -17.03 16.71 -19.95
C THR A 381 -15.70 16.66 -20.71
N TRP A 382 -15.48 15.56 -21.42
CA TRP A 382 -14.35 15.41 -22.33
C TRP A 382 -14.67 15.99 -23.71
N GLU A 383 -13.60 16.25 -24.47
CA GLU A 383 -13.70 16.62 -25.88
C GLU A 383 -12.71 15.80 -26.69
N GLU A 384 -13.11 15.40 -27.90
CA GLU A 384 -12.19 14.64 -28.75
C GLU A 384 -10.98 15.49 -29.11
N GLY A 385 -9.79 14.94 -28.86
CA GLY A 385 -8.55 15.62 -29.17
C GLY A 385 -8.09 16.63 -28.15
N LYS A 386 -8.75 16.71 -26.99
CA LYS A 386 -8.41 17.70 -25.98
C LYS A 386 -8.06 17.00 -24.66
N VAL A 387 -7.12 17.59 -23.91
CA VAL A 387 -6.67 17.05 -22.62
C VAL A 387 -7.38 17.77 -21.46
N LEU A 388 -7.89 16.98 -20.51
CA LEU A 388 -8.27 17.43 -19.17
C LEU A 388 -7.25 16.90 -18.17
N ILE A 389 -7.06 17.61 -17.07
CA ILE A 389 -6.08 17.20 -16.06
C ILE A 389 -6.68 17.37 -14.68
N PHE A 390 -6.63 16.33 -13.87
CA PHE A 390 -7.11 16.45 -12.51
C PHE A 390 -6.18 15.69 -11.58
N ASP A 391 -6.38 15.93 -10.29
CA ASP A 391 -5.62 15.22 -9.26
C ASP A 391 -6.53 14.13 -8.69
N ASP A 392 -6.25 12.88 -9.08
CA ASP A 392 -7.12 11.77 -8.68
C ASP A 392 -6.93 11.35 -7.23
N SER A 393 -6.06 12.03 -6.45
CA SER A 393 -6.10 11.86 -5.00
C SER A 393 -7.29 12.59 -4.38
N PHE A 394 -7.99 13.44 -5.13
CA PHE A 394 -9.27 13.99 -4.75
C PHE A 394 -10.39 13.04 -5.17
N GLU A 395 -11.44 13.00 -4.37
CA GLU A 395 -12.57 12.12 -4.69
C GLU A 395 -13.12 12.44 -6.08
N HIS A 396 -13.33 11.40 -6.89
CA HIS A 396 -13.84 11.60 -8.23
C HIS A 396 -14.77 10.47 -8.61
N GLU A 397 -15.60 10.72 -9.63
CA GLU A 397 -16.76 9.88 -9.91
C GLU A 397 -17.07 10.02 -11.40
N VAL A 398 -17.56 8.93 -12.04
CA VAL A 398 -17.75 8.97 -13.50
C VAL A 398 -19.05 8.29 -13.88
N TRP A 399 -19.71 8.85 -14.90
CA TRP A 399 -20.95 8.29 -15.42
C TRP A 399 -20.86 8.15 -16.93
N GLN A 400 -21.45 7.07 -17.45
CA GLN A 400 -21.50 6.82 -18.89
C GLN A 400 -22.93 6.42 -19.25
N ASP A 401 -23.71 7.40 -19.74
CA ASP A 401 -25.11 7.19 -20.11
C ASP A 401 -25.36 7.57 -21.57
N ALA A 402 -24.36 7.39 -22.42
CA ALA A 402 -24.45 7.66 -23.84
C ALA A 402 -25.16 6.50 -24.55
N SER A 403 -25.09 6.47 -25.88
CA SER A 403 -25.65 5.37 -26.66
C SER A 403 -24.59 4.67 -27.50
N SER A 404 -23.32 4.83 -27.13
CA SER A 404 -22.22 4.14 -27.77
C SER A 404 -21.01 4.27 -26.85
N PHE A 405 -19.90 3.67 -27.26
CA PHE A 405 -18.73 3.59 -26.38
C PHE A 405 -17.99 4.92 -26.27
N ARG A 406 -17.29 5.08 -25.15
CA ARG A 406 -16.47 6.27 -24.91
C ARG A 406 -15.02 5.84 -24.65
N LEU A 407 -14.09 6.34 -25.46
CA LEU A 407 -12.67 5.95 -25.37
C LEU A 407 -11.81 7.16 -25.01
N ILE A 408 -10.99 7.04 -23.94
CA ILE A 408 -10.02 8.08 -23.56
C ILE A 408 -8.64 7.45 -23.45
N PHE A 409 -7.63 8.31 -23.37
CA PHE A 409 -6.27 7.89 -23.10
C PHE A 409 -5.83 8.57 -21.82
N ILE A 410 -5.37 7.77 -20.85
CA ILE A 410 -5.04 8.25 -19.51
C ILE A 410 -3.51 8.29 -19.38
N VAL A 411 -2.97 9.46 -19.04
CA VAL A 411 -1.52 9.67 -18.97
C VAL A 411 -1.20 10.28 -17.62
N ASP A 412 -0.56 9.50 -16.72
CA ASP A 412 -0.21 10.05 -15.40
C ASP A 412 1.17 10.73 -15.45
N VAL A 413 1.30 11.82 -14.71
CA VAL A 413 2.58 12.53 -14.62
C VAL A 413 2.95 12.72 -13.16
N TRP A 414 4.26 12.83 -12.90
CA TRP A 414 4.66 13.25 -11.57
C TRP A 414 4.08 14.62 -11.24
N HIS A 415 3.66 14.80 -9.98
CA HIS A 415 3.30 16.13 -9.51
C HIS A 415 4.44 17.10 -9.83
N PRO A 416 4.17 18.26 -10.42
CA PRO A 416 5.26 19.11 -10.93
C PRO A 416 6.15 19.71 -9.87
N GLU A 417 5.69 19.78 -8.62
CA GLU A 417 6.53 20.32 -7.56
C GLU A 417 7.50 19.29 -6.99
N LEU A 418 7.36 18.02 -7.35
CA LEU A 418 8.35 17.02 -6.93
C LEU A 418 9.67 17.28 -7.64
N THR A 419 10.77 17.28 -6.88
CA THR A 419 12.07 17.49 -7.50
C THR A 419 12.56 16.20 -8.17
N PRO A 420 13.54 16.29 -9.09
CA PRO A 420 14.10 15.06 -9.66
C PRO A 420 14.58 14.10 -8.60
N GLN A 421 15.12 14.61 -7.49
CA GLN A 421 15.59 13.72 -6.43
C GLN A 421 14.43 12.94 -5.80
N GLN A 422 13.30 13.60 -5.57
CA GLN A 422 12.13 12.89 -5.08
C GLN A 422 11.61 11.89 -6.12
N ARG A 423 11.59 12.27 -7.39
CA ARG A 423 11.07 11.35 -8.40
C ARG A 423 11.94 10.10 -8.54
N ARG A 424 13.22 10.20 -8.19
CA ARG A 424 14.08 9.02 -8.27
C ARG A 424 13.93 8.11 -7.04
N SER A 425 13.53 8.66 -5.88
CA SER A 425 13.60 7.89 -4.64
C SER A 425 12.27 7.37 -4.12
N LEU A 426 11.12 7.97 -4.48
CA LEU A 426 9.86 7.52 -3.91
C LEU A 426 9.57 6.06 -4.27
N PRO A 427 9.13 5.23 -3.34
CA PRO A 427 8.74 3.86 -3.72
C PRO A 427 7.61 3.85 -4.73
N ALA A 428 7.70 2.91 -5.67
CA ALA A 428 6.68 2.79 -6.71
C ALA A 428 5.33 2.39 -6.10
N ILE A 429 4.26 2.86 -6.75
CA ILE A 429 2.89 2.48 -6.41
C ILE A 429 2.13 2.15 -7.69
N GLN B 13 -0.05 -9.46 -2.81
CA GLN B 13 -1.16 -8.56 -3.10
C GLN B 13 -1.05 -7.99 -4.51
N GLY B 14 -2.19 -7.52 -5.04
CA GLY B 14 -2.18 -6.74 -6.26
C GLY B 14 -1.60 -5.36 -5.99
N LYS B 15 -1.82 -4.47 -6.96
CA LYS B 15 -1.30 -3.13 -6.89
C LYS B 15 -2.44 -2.13 -6.70
N CYS B 16 -2.13 -1.05 -6.01
CA CYS B 16 -3.06 0.06 -5.85
C CYS B 16 -2.93 0.95 -7.09
N LYS B 17 -3.56 0.52 -8.19
CA LYS B 17 -3.44 1.27 -9.44
C LYS B 17 -4.25 2.55 -9.38
N ASN B 18 -5.48 2.45 -8.91
CA ASN B 18 -6.43 3.54 -9.00
C ASN B 18 -7.11 3.84 -7.68
N GLY B 19 -6.87 3.04 -6.64
CA GLY B 19 -7.53 3.24 -5.37
C GLY B 19 -6.66 2.71 -4.27
N LEU B 20 -7.27 2.39 -3.12
CA LEU B 20 -6.56 1.99 -1.92
C LEU B 20 -7.12 0.67 -1.43
N GLY B 21 -7.36 -0.25 -2.37
CA GLY B 21 -8.04 -1.48 -2.04
C GLY B 21 -7.18 -2.54 -1.39
N GLU B 22 -5.86 -2.47 -1.57
CA GLU B 22 -4.97 -3.44 -0.93
C GLU B 22 -4.57 -2.93 0.44
N TYR B 23 -4.24 -3.88 1.33
CA TYR B 23 -3.81 -3.52 2.67
C TYR B 23 -2.60 -2.58 2.63
N THR B 24 -1.60 -2.90 1.80
N THR B 24 -1.61 -2.88 1.78
CA THR B 24 -0.49 -1.99 1.57
CA THR B 24 -0.46 -2.01 1.59
C THR B 24 -0.29 -1.82 0.06
C THR B 24 -0.18 -1.86 0.09
N CYS B 25 0.23 -0.65 -0.32
CA CYS B 25 0.41 -0.33 -1.73
C CYS B 25 1.86 -0.35 -2.19
N THR B 26 2.83 -0.51 -1.29
CA THR B 26 4.25 -0.48 -1.67
C THR B 26 4.87 -1.82 -1.33
N SER B 27 6.01 -2.10 -1.97
CA SER B 27 6.75 -3.33 -1.74
C SER B 27 8.02 -3.02 -0.95
N LEU B 28 8.22 -3.74 0.14
CA LEU B 28 9.33 -3.49 1.05
C LEU B 28 10.59 -4.20 0.58
N GLU B 29 11.72 -3.48 0.62
CA GLU B 29 13.01 -4.07 0.24
C GLU B 29 14.08 -3.76 1.29
N GLY B 30 13.70 -3.65 2.56
CA GLY B 30 14.68 -3.30 3.58
C GLY B 30 15.29 -1.91 3.38
N PHE B 31 16.60 -1.81 3.54
CA PHE B 31 17.31 -0.53 3.42
C PHE B 31 17.54 -0.13 1.95
C1 AKG C . -9.71 8.10 -13.42
O1 AKG C . -9.23 8.55 -14.47
O2 AKG C . -9.05 7.95 -12.31
C2 AKG C . -11.14 7.56 -13.38
O5 AKG C . -11.59 7.10 -12.33
C3 AKG C . -11.95 7.59 -14.65
C4 AKG C . -11.31 6.86 -15.82
C5 AKG C . -12.26 6.81 -16.99
O3 AKG C . -13.14 7.63 -17.07
O4 AKG C . -12.06 5.85 -17.86
C ACT D . -13.55 -3.42 -25.02
O ACT D . -12.58 -3.40 -25.84
OXT ACT D . -14.78 -3.04 -25.18
CH3 ACT D . -13.24 -3.99 -23.63
C ACT E . 18.39 11.97 -8.78
O ACT E . 18.30 11.28 -7.73
OXT ACT E . 18.51 13.22 -8.90
CH3 ACT E . 18.37 11.18 -10.12
O2 PEG F . -25.31 10.19 -26.62
C3 PEG F . -24.50 9.09 -27.04
C4 PEG F . -24.76 8.70 -28.44
O4 PEG F . -23.77 7.79 -28.86
MN MN G . -9.96 6.85 -10.72
S SCN H . -8.84 3.95 -14.47
C SCN H . -9.32 4.64 -12.92
N SCN H . -9.57 5.10 -11.88
#